data_8WWZ
#
_entry.id   8WWZ
#
_cell.length_a   102.600
_cell.length_b   102.600
_cell.length_c   111.081
_cell.angle_alpha   90.00
_cell.angle_beta   90.00
_cell.angle_gamma   120.00
#
_symmetry.space_group_name_H-M   'P 62 2 2'
#
loop_
_entity.id
_entity.type
_entity.pdbx_description
1 polymer 'Glyceraldehyde-3-phosphate dehydrogenase 2'
2 water water
#
_entity_poly.entity_id   1
_entity_poly.type   'polypeptide(L)'
_entity_poly.pdbx_seq_one_letter_code
;GSMKVKVAINGFGRIGRMVFRKAMLDDQIQVVAINASYSAETLAHLIKYDTIHGRYDKEVVAGEDSLIVNGKKVLLLNSR
DPKQLPWREYDIDIVVEATGKFNAKDKAMGHIEAGAKKVILTAPGKNEDVTIVMGVNEDQFDAERHVIISNASCTTNCLA
PVVKVLDEEFGIESGLMTTVHAYTNDQKNIDNPHKDLRRARACGESIIPTTTGAAKALSLVLPHLKGKLHGLALRVPVPN
VSLVDLVVDLKTDVTAEEVNEAFKRAAKTSMYGVLDYSDEPLVSTDYNTNPHSAVIDGLTTMVMEDRKVKVLAWYDNEWG
YSCRVVDLIRHVAARMKHPSAV
;
_entity_poly.pdbx_strand_id   A
#
# COMPACT_ATOMS: atom_id res chain seq x y z
N LYS A 4 -1.16 1.70 -24.07
CA LYS A 4 -0.63 1.64 -22.71
C LYS A 4 -1.20 2.79 -21.87
N VAL A 5 -1.56 2.50 -20.62
CA VAL A 5 -2.12 3.52 -19.75
C VAL A 5 -1.03 4.54 -19.41
N LYS A 6 -1.39 5.81 -19.47
CA LYS A 6 -0.44 6.89 -19.24
C LYS A 6 -0.57 7.42 -17.82
N VAL A 7 0.55 7.44 -17.12
CA VAL A 7 0.58 7.65 -15.67
C VAL A 7 1.52 8.80 -15.36
N ALA A 8 1.15 9.59 -14.37
CA ALA A 8 2.07 10.55 -13.77
C ALA A 8 2.16 10.25 -12.28
N ILE A 9 3.27 10.65 -11.67
CA ILE A 9 3.50 10.44 -10.25
C ILE A 9 3.78 11.81 -9.64
N ASN A 10 3.01 12.15 -8.60
CA ASN A 10 3.17 13.40 -7.89
C ASN A 10 3.79 13.10 -6.52
N GLY A 11 4.96 13.68 -6.27
CA GLY A 11 5.63 13.48 -5.00
C GLY A 11 6.65 12.36 -5.11
N PHE A 12 7.85 12.57 -4.61
CA PHE A 12 8.92 11.61 -4.78
C PHE A 12 9.52 11.20 -3.44
N GLY A 13 8.66 11.02 -2.44
CA GLY A 13 9.06 10.33 -1.24
C GLY A 13 9.23 8.85 -1.51
N ARG A 14 9.34 8.08 -0.43
CA ARG A 14 9.71 6.68 -0.59
C ARG A 14 8.65 5.91 -1.36
N ILE A 15 7.36 6.20 -1.12
CA ILE A 15 6.31 5.50 -1.85
C ILE A 15 6.31 5.90 -3.32
N GLY A 16 6.42 7.20 -3.60
CA GLY A 16 6.52 7.64 -4.99
C GLY A 16 7.67 6.99 -5.73
N ARG A 17 8.84 6.89 -5.08
CA ARG A 17 10.00 6.30 -5.74
C ARG A 17 9.83 4.81 -5.94
N MET A 18 9.28 4.10 -4.96
CA MET A 18 9.08 2.67 -5.11
C MET A 18 8.05 2.38 -6.20
N VAL A 19 6.95 3.14 -6.22
CA VAL A 19 5.95 2.99 -7.27
C VAL A 19 6.56 3.27 -8.63
N PHE A 20 7.41 4.29 -8.74
CA PHE A 20 8.07 4.59 -10.00
C PHE A 20 8.96 3.43 -10.43
N ARG A 21 9.77 2.91 -9.50
CA ARG A 21 10.62 1.76 -9.78
C ARG A 21 9.80 0.61 -10.35
N LYS A 22 8.67 0.31 -9.70
CA LYS A 22 7.88 -0.85 -10.13
C LYS A 22 7.17 -0.58 -11.45
N ALA A 23 6.65 0.63 -11.65
CA ALA A 23 5.91 0.96 -12.85
C ALA A 23 6.81 1.04 -14.07
N MET A 24 8.07 1.46 -13.89
CA MET A 24 9.01 1.51 -15.00
C MET A 24 9.35 0.12 -15.52
N LEU A 25 9.14 -0.92 -14.71
CA LEU A 25 9.33 -2.30 -15.15
C LEU A 25 8.10 -2.86 -15.84
N ASP A 26 6.94 -2.23 -15.68
CA ASP A 26 5.69 -2.72 -16.24
C ASP A 26 5.56 -2.17 -17.67
N ASP A 27 5.70 -3.05 -18.65
CA ASP A 27 5.58 -2.63 -20.05
C ASP A 27 4.14 -2.32 -20.44
N GLN A 28 3.16 -2.62 -19.58
CA GLN A 28 1.77 -2.21 -19.81
C GLN A 28 1.50 -0.79 -19.36
N ILE A 29 2.45 -0.15 -18.68
CA ILE A 29 2.27 1.18 -18.09
C ILE A 29 3.30 2.11 -18.70
N GLN A 30 2.87 3.30 -19.08
CA GLN A 30 3.77 4.34 -19.58
C GLN A 30 3.80 5.46 -18.55
N VAL A 31 4.91 5.58 -17.83
CA VAL A 31 5.10 6.69 -16.90
C VAL A 31 5.57 7.89 -17.71
N VAL A 32 4.64 8.81 -17.98
CA VAL A 32 4.92 9.95 -18.84
C VAL A 32 5.70 11.02 -18.10
N ALA A 33 5.37 11.27 -16.83
CA ALA A 33 5.90 12.44 -16.16
C ALA A 33 5.94 12.22 -14.66
N ILE A 34 6.78 13.03 -14.01
CA ILE A 34 6.92 13.10 -12.56
C ILE A 34 6.85 14.56 -12.15
N ASN A 35 6.12 14.85 -11.08
CA ASN A 35 6.15 16.17 -10.45
C ASN A 35 6.79 16.01 -9.07
N ALA A 36 7.92 16.67 -8.86
CA ALA A 36 8.71 16.50 -7.65
C ALA A 36 9.40 17.81 -7.28
N SER A 37 9.95 17.84 -6.07
CA SER A 37 10.56 19.04 -5.51
C SER A 37 12.03 19.20 -5.86
N TYR A 38 12.64 18.25 -6.55
CA TYR A 38 14.08 18.30 -6.78
C TYR A 38 14.41 18.25 -8.27
N SER A 39 15.67 18.58 -8.57
CA SER A 39 16.17 18.57 -9.92
C SER A 39 16.34 17.12 -10.41
N ALA A 40 16.53 17.00 -11.73
CA ALA A 40 16.65 15.69 -12.36
C ALA A 40 17.83 14.90 -11.80
N GLU A 41 18.95 15.56 -11.54
CA GLU A 41 20.14 14.88 -11.03
C GLU A 41 19.87 14.27 -9.65
N THR A 42 19.22 15.03 -8.77
CA THR A 42 18.86 14.52 -7.46
C THR A 42 17.86 13.37 -7.57
N LEU A 43 16.87 13.52 -8.46
CA LEU A 43 15.87 12.46 -8.63
C LEU A 43 16.51 11.18 -9.14
N ALA A 44 17.42 11.29 -10.11
CA ALA A 44 18.11 10.12 -10.62
C ALA A 44 18.92 9.45 -9.53
N HIS A 45 19.59 10.25 -8.69
CA HIS A 45 20.29 9.68 -7.53
C HIS A 45 19.32 8.91 -6.64
N LEU A 46 18.16 9.50 -6.33
CA LEU A 46 17.22 8.86 -5.41
C LEU A 46 16.58 7.62 -6.02
N ILE A 47 16.41 7.58 -7.34
CA ILE A 47 15.89 6.40 -8.01
C ILE A 47 16.92 5.29 -7.99
N LYS A 48 18.18 5.63 -8.29
CA LYS A 48 19.21 4.61 -8.44
C LYS A 48 19.57 3.95 -7.11
N TYR A 49 19.64 4.74 -6.04
CA TYR A 49 20.15 4.29 -4.76
C TYR A 49 19.05 4.33 -3.70
N ASP A 50 19.03 3.32 -2.85
CA ASP A 50 18.03 3.26 -1.77
C ASP A 50 18.58 2.44 -0.62
N THR A 51 18.59 3.03 0.57
CA THR A 51 19.17 2.37 1.73
C THR A 51 18.34 1.18 2.22
N ILE A 52 17.11 1.04 1.75
CA ILE A 52 16.22 -0.02 2.21
C ILE A 52 16.15 -1.16 1.20
N HIS A 53 15.95 -0.85 -0.08
CA HIS A 53 15.70 -1.86 -1.08
C HIS A 53 16.87 -2.03 -2.04
N GLY A 54 18.00 -1.36 -1.80
CA GLY A 54 19.18 -1.56 -2.60
C GLY A 54 19.15 -0.77 -3.89
N ARG A 55 20.21 -0.96 -4.68
CA ARG A 55 20.38 -0.21 -5.91
C ARG A 55 19.40 -0.70 -6.97
N TYR A 56 18.93 0.24 -7.80
CA TYR A 56 17.99 -0.09 -8.86
C TYR A 56 18.69 -0.85 -9.97
N ASP A 57 17.99 -1.84 -10.54
CA ASP A 57 18.60 -2.75 -11.51
C ASP A 57 18.83 -2.07 -12.85
N LYS A 58 17.97 -1.14 -13.24
CA LYS A 58 18.03 -0.57 -14.58
C LYS A 58 18.92 0.65 -14.63
N GLU A 59 19.27 1.06 -15.84
CA GLU A 59 20.10 2.26 -16.03
C GLU A 59 19.26 3.50 -15.76
N VAL A 60 19.71 4.32 -14.82
CA VAL A 60 19.04 5.55 -14.44
C VAL A 60 19.95 6.72 -14.79
N VAL A 61 19.45 7.65 -15.58
CA VAL A 61 20.28 8.72 -16.11
C VAL A 61 19.48 10.01 -16.12
N ALA A 62 20.10 11.12 -15.74
CA ALA A 62 19.43 12.41 -15.68
C ALA A 62 19.72 13.21 -16.95
N GLY A 63 18.67 13.76 -17.56
CA GLY A 63 18.82 14.62 -18.71
C GLY A 63 18.23 15.99 -18.42
N GLU A 64 17.96 16.76 -19.47
CA GLU A 64 17.46 18.12 -19.30
C GLU A 64 15.99 18.07 -18.91
N ASP A 65 15.73 18.31 -17.62
CA ASP A 65 14.37 18.28 -17.08
C ASP A 65 13.66 16.97 -17.44
N SER A 66 14.41 15.87 -17.41
CA SER A 66 13.86 14.56 -17.69
C SER A 66 14.78 13.50 -17.09
N LEU A 67 14.29 12.28 -17.08
CA LEU A 67 15.08 11.11 -16.74
C LEU A 67 15.00 10.12 -17.88
N ILE A 68 16.08 9.37 -18.07
CA ILE A 68 16.10 8.23 -18.97
C ILE A 68 16.31 7.02 -18.09
N VAL A 69 15.27 6.21 -17.95
CA VAL A 69 15.25 5.08 -17.04
C VAL A 69 14.89 3.85 -17.84
N ASN A 70 15.76 2.84 -17.80
CA ASN A 70 15.52 1.58 -18.51
C ASN A 70 15.32 1.82 -20.00
N GLY A 71 15.89 2.91 -20.51
CA GLY A 71 15.77 3.27 -21.92
C GLY A 71 14.63 4.18 -22.28
N LYS A 72 13.74 4.50 -21.34
CA LYS A 72 12.55 5.31 -21.62
C LYS A 72 12.68 6.70 -21.00
N LYS A 73 12.18 7.70 -21.71
CA LYS A 73 12.22 9.08 -21.23
C LYS A 73 11.00 9.39 -20.37
N VAL A 74 11.24 10.09 -19.27
CA VAL A 74 10.21 10.52 -18.33
C VAL A 74 10.40 12.01 -18.12
N LEU A 75 9.35 12.79 -18.37
CA LEU A 75 9.46 14.22 -18.21
C LEU A 75 9.35 14.59 -16.73
N LEU A 76 10.06 15.66 -16.34
CA LEU A 76 10.10 16.11 -14.96
C LEU A 76 9.53 17.52 -14.86
N LEU A 77 8.67 17.72 -13.87
CA LEU A 77 8.08 19.01 -13.58
C LEU A 77 8.31 19.34 -12.10
N ASN A 78 8.19 20.64 -11.78
CA ASN A 78 8.43 21.13 -10.42
C ASN A 78 7.35 22.15 -10.03
N SER A 79 6.10 21.72 -10.07
CA SER A 79 4.97 22.58 -9.78
C SER A 79 4.41 22.26 -8.40
N ARG A 80 4.29 23.29 -7.55
CA ARG A 80 3.67 23.08 -6.25
C ARG A 80 2.15 23.14 -6.31
N ASP A 81 1.58 23.74 -7.36
CA ASP A 81 0.14 23.78 -7.53
C ASP A 81 -0.27 22.80 -8.63
N PRO A 82 -0.93 21.70 -8.29
CA PRO A 82 -1.16 20.64 -9.29
C PRO A 82 -2.01 21.07 -10.48
N LYS A 83 -2.83 22.11 -10.34
CA LYS A 83 -3.66 22.50 -11.47
C LYS A 83 -2.88 23.26 -12.55
N GLN A 84 -1.62 23.57 -12.31
CA GLN A 84 -0.75 24.15 -13.33
C GLN A 84 -0.07 23.09 -14.20
N LEU A 85 -0.25 21.80 -13.90
CA LEU A 85 0.46 20.73 -14.59
C LEU A 85 -0.15 20.48 -15.97
N PRO A 86 0.66 20.05 -16.95
CA PRO A 86 0.18 19.87 -18.32
C PRO A 86 -0.43 18.49 -18.58
N TRP A 87 -1.30 18.04 -17.67
CA TRP A 87 -1.84 16.69 -17.78
C TRP A 87 -2.78 16.53 -18.98
N ARG A 88 -3.51 17.58 -19.33
CA ARG A 88 -4.35 17.53 -20.52
C ARG A 88 -3.50 17.38 -21.77
N GLU A 89 -2.42 18.15 -21.86
CA GLU A 89 -1.52 18.09 -23.00
C GLU A 89 -0.78 16.76 -23.10
N TYR A 90 -0.59 16.06 -21.99
CA TYR A 90 0.09 14.78 -21.99
C TYR A 90 -0.87 13.60 -22.01
N ASP A 91 -2.18 13.85 -21.95
CA ASP A 91 -3.19 12.79 -22.00
C ASP A 91 -3.03 11.83 -20.82
N ILE A 92 -2.68 12.38 -19.65
CA ILE A 92 -2.47 11.56 -18.46
C ILE A 92 -3.75 10.82 -18.12
N ASP A 93 -3.68 9.49 -18.09
CA ASP A 93 -4.83 8.69 -17.69
C ASP A 93 -4.98 8.64 -16.18
N ILE A 94 -3.88 8.38 -15.46
CA ILE A 94 -3.92 8.22 -14.02
C ILE A 94 -2.77 8.98 -13.37
N VAL A 95 -3.08 9.75 -12.34
CA VAL A 95 -2.07 10.38 -11.49
C VAL A 95 -2.02 9.62 -10.18
N VAL A 96 -0.83 9.17 -9.78
CA VAL A 96 -0.62 8.62 -8.44
C VAL A 96 -0.19 9.78 -7.55
N GLU A 97 -1.02 10.11 -6.56
CA GLU A 97 -0.77 11.21 -5.64
C GLU A 97 -0.02 10.65 -4.44
N ALA A 98 1.29 10.85 -4.41
CA ALA A 98 2.17 10.21 -3.44
C ALA A 98 2.83 11.21 -2.50
N THR A 99 2.17 12.34 -2.23
CA THR A 99 2.67 13.32 -1.28
C THR A 99 2.08 13.13 0.12
N GLY A 100 1.29 12.09 0.32
CA GLY A 100 0.80 11.77 1.65
C GLY A 100 -0.62 12.17 1.92
N LYS A 101 -0.96 12.20 3.21
CA LYS A 101 -2.34 12.39 3.66
C LYS A 101 -2.79 13.84 3.57
N PHE A 102 -1.86 14.78 3.70
CA PHE A 102 -2.18 16.18 3.90
C PHE A 102 -2.84 16.77 2.65
N ASN A 103 -4.14 17.08 2.76
CA ASN A 103 -4.90 17.75 1.70
C ASN A 103 -4.94 16.92 0.41
N ALA A 104 -4.98 15.60 0.56
CA ALA A 104 -4.91 14.70 -0.58
C ALA A 104 -6.03 14.96 -1.58
N LYS A 105 -7.24 15.23 -1.09
CA LYS A 105 -8.38 15.40 -2.00
C LYS A 105 -8.25 16.70 -2.79
N ASP A 106 -7.77 17.77 -2.15
CA ASP A 106 -7.52 19.03 -2.84
C ASP A 106 -6.47 18.86 -3.93
N LYS A 107 -5.38 18.16 -3.61
CA LYS A 107 -4.35 17.88 -4.61
C LYS A 107 -4.92 17.09 -5.77
N ALA A 108 -5.71 16.06 -5.47
CA ALA A 108 -6.31 15.23 -6.51
C ALA A 108 -7.20 16.06 -7.41
N MET A 109 -8.06 16.89 -6.83
CA MET A 109 -8.89 17.77 -7.64
C MET A 109 -8.03 18.69 -8.49
N GLY A 110 -6.91 19.16 -7.94
CA GLY A 110 -5.98 19.94 -8.73
C GLY A 110 -5.49 19.19 -9.96
N HIS A 111 -5.18 17.91 -9.79
CA HIS A 111 -4.73 17.10 -10.92
C HIS A 111 -5.85 16.91 -11.95
N ILE A 112 -7.10 16.78 -11.47
CA ILE A 112 -8.23 16.69 -12.39
C ILE A 112 -8.39 17.99 -13.17
N GLU A 113 -8.29 19.13 -12.47
CA GLU A 113 -8.37 20.42 -13.14
C GLU A 113 -7.26 20.61 -14.15
N ALA A 114 -6.10 19.97 -13.93
CA ALA A 114 -5.02 20.05 -14.90
C ALA A 114 -5.25 19.16 -16.11
N GLY A 115 -6.25 18.28 -16.09
CA GLY A 115 -6.57 17.45 -17.24
C GLY A 115 -6.39 15.96 -17.05
N ALA A 116 -5.96 15.49 -15.88
CA ALA A 116 -5.87 14.06 -15.63
C ALA A 116 -7.27 13.45 -15.49
N LYS A 117 -7.40 12.19 -15.90
CA LYS A 117 -8.70 11.52 -15.89
C LYS A 117 -9.02 10.89 -14.53
N LYS A 118 -8.04 10.28 -13.88
CA LYS A 118 -8.25 9.64 -12.58
C LYS A 118 -7.05 9.91 -11.67
N VAL A 119 -7.30 9.83 -10.37
CA VAL A 119 -6.26 10.01 -9.36
C VAL A 119 -6.34 8.88 -8.36
N ILE A 120 -5.19 8.29 -8.03
CA ILE A 120 -5.07 7.30 -6.97
C ILE A 120 -4.41 7.97 -5.77
N LEU A 121 -5.13 8.04 -4.66
CA LEU A 121 -4.58 8.55 -3.42
C LEU A 121 -3.88 7.43 -2.67
N THR A 122 -2.90 7.79 -1.86
CA THR A 122 -2.14 6.84 -1.05
C THR A 122 -2.49 6.97 0.42
N ALA A 123 -3.77 7.22 0.71
CA ALA A 123 -4.22 7.32 2.09
C ALA A 123 -5.72 7.09 2.15
N PRO A 124 -6.23 6.42 3.18
CA PRO A 124 -7.66 6.16 3.27
C PRO A 124 -8.40 7.31 3.92
N GLY A 125 -9.71 7.33 3.70
CA GLY A 125 -10.57 8.27 4.40
C GLY A 125 -10.33 9.72 4.07
N LYS A 126 -10.04 10.02 2.80
CA LYS A 126 -9.86 11.38 2.33
C LYS A 126 -11.03 11.84 1.48
N ASN A 127 -12.22 11.29 1.73
CA ASN A 127 -13.44 11.54 0.94
C ASN A 127 -13.25 11.13 -0.52
N GLU A 128 -12.43 10.10 -0.76
CA GLU A 128 -12.30 9.53 -2.07
C GLU A 128 -13.63 8.93 -2.52
N ASP A 129 -13.78 8.77 -3.84
CA ASP A 129 -14.99 8.15 -4.37
C ASP A 129 -15.09 6.68 -3.97
N VAL A 130 -13.97 6.01 -3.78
CA VAL A 130 -13.99 4.60 -3.39
C VAL A 130 -12.64 4.27 -2.77
N THR A 131 -12.67 3.43 -1.74
CA THR A 131 -11.47 2.92 -1.09
C THR A 131 -11.28 1.46 -1.47
N ILE A 132 -10.10 1.13 -1.98
CA ILE A 132 -9.83 -0.20 -2.54
C ILE A 132 -8.66 -0.83 -1.81
N VAL A 133 -8.81 -2.10 -1.44
CA VAL A 133 -7.71 -2.97 -1.07
C VAL A 133 -7.72 -4.13 -2.04
N MET A 134 -6.65 -4.28 -2.82
CA MET A 134 -6.59 -5.36 -3.78
C MET A 134 -6.69 -6.69 -3.05
N GLY A 135 -7.50 -7.60 -3.59
CA GLY A 135 -7.81 -8.85 -2.94
C GLY A 135 -8.97 -8.81 -1.99
N VAL A 136 -9.52 -7.62 -1.70
CA VAL A 136 -10.59 -7.46 -0.72
C VAL A 136 -11.85 -6.92 -1.36
N ASN A 137 -11.73 -5.86 -2.16
CA ASN A 137 -12.93 -5.23 -2.71
C ASN A 137 -12.67 -4.48 -4.02
N GLU A 138 -11.62 -4.85 -4.77
CA GLU A 138 -11.33 -4.14 -6.00
C GLU A 138 -12.49 -4.20 -6.99
N ASP A 139 -13.37 -5.20 -6.84
CA ASP A 139 -14.56 -5.32 -7.67
C ASP A 139 -15.48 -4.10 -7.54
N GLN A 140 -15.33 -3.32 -6.48
CA GLN A 140 -16.21 -2.17 -6.25
C GLN A 140 -15.89 -0.99 -7.16
N PHE A 141 -14.74 -1.00 -7.83
CA PHE A 141 -14.36 0.15 -8.65
C PHE A 141 -15.25 0.23 -9.89
N ASP A 142 -15.89 1.37 -10.08
CA ASP A 142 -16.72 1.66 -11.25
C ASP A 142 -16.03 2.75 -12.05
N ALA A 143 -15.54 2.40 -13.24
CA ALA A 143 -14.78 3.34 -14.05
C ALA A 143 -15.63 4.51 -14.53
N GLU A 144 -16.95 4.37 -14.52
CA GLU A 144 -17.82 5.45 -14.97
C GLU A 144 -18.26 6.37 -13.85
N ARG A 145 -18.14 5.94 -12.59
CA ARG A 145 -18.57 6.73 -11.46
C ARG A 145 -17.44 7.18 -10.53
N HIS A 146 -16.28 6.54 -10.57
CA HIS A 146 -15.22 6.78 -9.59
C HIS A 146 -14.06 7.49 -10.27
N VAL A 147 -13.71 8.66 -9.75
CA VAL A 147 -12.68 9.50 -10.32
C VAL A 147 -11.47 9.61 -9.40
N ILE A 148 -11.70 9.73 -8.09
CA ILE A 148 -10.62 9.75 -7.11
C ILE A 148 -10.71 8.47 -6.29
N ILE A 149 -9.65 7.68 -6.34
CA ILE A 149 -9.60 6.32 -5.80
C ILE A 149 -8.50 6.26 -4.76
N SER A 150 -8.78 5.65 -3.62
CA SER A 150 -7.78 5.48 -2.58
C SER A 150 -7.32 4.03 -2.53
N ASN A 151 -6.01 3.84 -2.38
CA ASN A 151 -5.43 2.52 -2.15
C ASN A 151 -5.25 2.22 -0.66
N ALA A 152 -5.96 2.93 0.20
CA ALA A 152 -5.87 2.76 1.66
C ALA A 152 -4.43 3.02 2.10
N SER A 153 -3.97 2.30 3.11
CA SER A 153 -2.65 2.44 3.70
C SER A 153 -1.95 1.08 3.72
N CYS A 154 -0.67 1.09 4.08
CA CYS A 154 0.11 -0.16 4.09
C CYS A 154 -0.40 -1.11 5.15
N THR A 155 -0.65 -0.60 6.36
CA THR A 155 -1.15 -1.44 7.43
C THR A 155 -2.55 -1.96 7.13
N THR A 156 -3.42 -1.12 6.57
CA THR A 156 -4.75 -1.60 6.18
C THR A 156 -4.66 -2.64 5.07
N ASN A 157 -3.71 -2.47 4.14
CA ASN A 157 -3.53 -3.50 3.11
C ASN A 157 -3.03 -4.81 3.70
N CYS A 158 -2.35 -4.78 4.85
CA CYS A 158 -2.04 -6.05 5.51
C CYS A 158 -3.24 -6.59 6.28
N LEU A 159 -3.91 -5.74 7.06
CA LEU A 159 -4.93 -6.20 8.00
C LEU A 159 -6.18 -6.69 7.27
N ALA A 160 -6.61 -5.99 6.22
CA ALA A 160 -7.91 -6.30 5.61
C ALA A 160 -7.98 -7.68 4.97
N PRO A 161 -6.99 -8.17 4.20
CA PRO A 161 -7.12 -9.54 3.67
C PRO A 161 -7.10 -10.62 4.74
N VAL A 162 -6.26 -10.46 5.77
CA VAL A 162 -6.21 -11.39 6.89
C VAL A 162 -7.58 -11.48 7.55
N VAL A 163 -8.12 -10.31 7.91
CA VAL A 163 -9.41 -10.24 8.58
C VAL A 163 -10.52 -10.77 7.68
N LYS A 164 -10.40 -10.54 6.37
CA LYS A 164 -11.42 -11.04 5.44
C LYS A 164 -11.44 -12.56 5.40
N VAL A 165 -10.26 -13.18 5.31
CA VAL A 165 -10.20 -14.64 5.36
C VAL A 165 -10.83 -15.13 6.65
N LEU A 166 -10.43 -14.55 7.79
CA LEU A 166 -10.95 -15.01 9.07
C LEU A 166 -12.47 -14.88 9.15
N ASP A 167 -13.01 -13.72 8.72
CA ASP A 167 -14.44 -13.50 8.86
C ASP A 167 -15.24 -14.40 7.93
N GLU A 168 -14.75 -14.64 6.72
CA GLU A 168 -15.54 -15.44 5.80
C GLU A 168 -15.42 -16.94 6.09
N GLU A 169 -14.32 -17.38 6.72
CA GLU A 169 -14.23 -18.79 7.04
C GLU A 169 -14.84 -19.12 8.41
N PHE A 170 -14.66 -18.26 9.40
CA PHE A 170 -15.05 -18.59 10.77
C PHE A 170 -15.92 -17.55 11.43
N GLY A 171 -16.07 -16.35 10.87
CA GLY A 171 -16.81 -15.29 11.53
C GLY A 171 -16.02 -14.66 12.66
N ILE A 172 -15.98 -13.33 12.71
CA ILE A 172 -15.23 -12.61 13.73
C ILE A 172 -16.22 -12.01 14.72
N GLU A 173 -16.02 -12.30 16.00
CA GLU A 173 -16.79 -11.67 17.06
C GLU A 173 -16.24 -10.28 17.37
N SER A 174 -15.01 -10.23 17.86
CA SER A 174 -14.32 -8.96 18.11
C SER A 174 -12.84 -9.28 18.28
N GLY A 175 -12.03 -8.24 18.30
CA GLY A 175 -10.60 -8.43 18.42
C GLY A 175 -9.85 -7.14 18.64
N LEU A 176 -8.64 -7.28 19.14
CA LEU A 176 -7.71 -6.18 19.32
C LEU A 176 -6.39 -6.54 18.65
N MET A 177 -5.67 -5.52 18.20
CA MET A 177 -4.43 -5.77 17.49
C MET A 177 -3.35 -4.81 17.95
N THR A 178 -2.11 -5.25 17.78
CA THR A 178 -0.94 -4.38 17.84
C THR A 178 -0.24 -4.47 16.50
N THR A 179 0.05 -3.32 15.90
CA THR A 179 0.92 -3.29 14.72
C THR A 179 2.31 -2.87 15.19
N VAL A 180 3.27 -3.77 15.04
CA VAL A 180 4.67 -3.48 15.37
C VAL A 180 5.29 -2.84 14.13
N HIS A 181 5.55 -1.54 14.19
CA HIS A 181 5.85 -0.73 13.02
C HIS A 181 7.33 -0.37 12.97
N ALA A 182 7.96 -0.61 11.82
CA ALA A 182 9.28 -0.07 11.53
C ALA A 182 9.23 1.45 11.44
N TYR A 183 10.37 2.09 11.27
CA TYR A 183 10.37 3.54 11.18
C TYR A 183 10.08 4.02 9.76
N THR A 184 9.37 5.15 9.68
CA THR A 184 8.87 5.69 8.41
C THR A 184 9.13 7.19 8.30
N ASP A 196 2.07 14.30 19.64
CA ASP A 196 2.51 13.13 20.40
C ASP A 196 3.92 13.35 20.96
N LEU A 197 4.01 13.51 22.29
CA LEU A 197 5.30 13.69 22.92
C LEU A 197 6.18 12.45 22.77
N ARG A 198 5.56 11.27 22.71
CA ARG A 198 6.33 10.03 22.60
C ARG A 198 7.10 9.97 21.29
N ARG A 199 6.43 10.29 20.18
CA ARG A 199 7.10 10.27 18.88
C ARG A 199 8.19 11.33 18.79
N ALA A 200 8.00 12.47 19.46
CA ALA A 200 8.96 13.56 19.39
C ALA A 200 10.19 13.32 20.26
N ARG A 201 10.09 12.47 21.27
CA ARG A 201 11.20 12.16 22.15
C ARG A 201 11.92 10.87 21.76
N ALA A 202 11.66 10.37 20.56
CA ALA A 202 12.15 9.08 20.10
C ALA A 202 13.65 8.89 20.26
N CYS A 203 14.42 9.62 19.44
CA CYS A 203 15.87 9.41 19.31
C CYS A 203 16.18 8.00 18.78
N GLY A 204 15.23 7.41 18.06
CA GLY A 204 15.45 6.20 17.28
C GLY A 204 15.94 5.00 18.06
N GLU A 205 15.62 4.92 19.35
CA GLU A 205 16.23 3.94 20.22
C GLU A 205 15.24 3.17 21.10
N SER A 206 13.95 3.48 21.03
CA SER A 206 13.01 3.04 22.03
C SER A 206 11.82 2.35 21.38
N ILE A 207 11.09 1.58 22.19
CA ILE A 207 9.77 1.14 21.81
C ILE A 207 8.79 2.27 22.10
N ILE A 208 7.98 2.63 21.11
CA ILE A 208 7.10 3.80 21.26
C ILE A 208 5.66 3.41 20.97
N PRO A 209 4.78 3.39 21.98
CA PRO A 209 3.36 3.13 21.72
C PRO A 209 2.70 4.36 21.13
N THR A 210 1.95 4.17 20.05
CA THR A 210 1.21 5.26 19.41
C THR A 210 -0.15 4.74 18.98
N THR A 211 -0.95 5.65 18.44
CA THR A 211 -2.24 5.30 17.84
C THR A 211 -2.02 4.71 16.46
N THR A 212 -3.01 3.95 16.00
CA THR A 212 -3.07 3.51 14.61
C THR A 212 -4.49 3.72 14.10
N GLY A 213 -4.61 4.01 12.81
CA GLY A 213 -5.90 4.14 12.15
C GLY A 213 -6.24 3.02 11.20
N ALA A 214 -5.52 1.89 11.23
CA ALA A 214 -5.78 0.82 10.27
C ALA A 214 -7.08 0.09 10.57
N ALA A 215 -7.39 -0.10 11.86
CA ALA A 215 -8.62 -0.78 12.22
C ALA A 215 -9.84 0.04 11.86
N LYS A 216 -9.76 1.36 12.03
CA LYS A 216 -10.85 2.24 11.60
C LYS A 216 -10.95 2.28 10.08
N ALA A 217 -9.81 2.35 9.39
CA ALA A 217 -9.84 2.34 7.93
C ALA A 217 -10.42 1.03 7.40
N LEU A 218 -10.41 -0.04 8.22
CA LEU A 218 -11.09 -1.28 7.82
C LEU A 218 -12.55 -1.05 7.45
N SER A 219 -13.20 -0.05 8.05
CA SER A 219 -14.61 0.23 7.76
C SER A 219 -14.83 0.49 6.28
N LEU A 220 -13.85 1.11 5.63
CA LEU A 220 -14.05 1.56 4.26
C LEU A 220 -14.08 0.39 3.29
N VAL A 221 -13.39 -0.71 3.60
CA VAL A 221 -13.33 -1.85 2.70
C VAL A 221 -14.08 -3.06 3.21
N LEU A 222 -14.34 -3.14 4.52
CA LEU A 222 -15.13 -4.23 5.11
C LEU A 222 -16.10 -3.60 6.09
N PRO A 223 -17.18 -2.99 5.59
CA PRO A 223 -18.01 -2.13 6.46
C PRO A 223 -18.72 -2.90 7.57
N HIS A 224 -19.14 -4.13 7.33
CA HIS A 224 -19.85 -4.96 8.31
C HIS A 224 -18.98 -5.32 9.51
N LEU A 225 -17.77 -4.80 9.61
CA LEU A 225 -16.82 -5.26 10.62
C LEU A 225 -16.40 -4.15 11.58
N LYS A 226 -16.98 -2.96 11.47
CA LYS A 226 -16.53 -1.92 12.38
C LYS A 226 -17.22 -2.06 13.73
N GLY A 227 -16.56 -1.52 14.75
CA GLY A 227 -16.89 -1.81 16.13
C GLY A 227 -16.29 -3.11 16.63
N LYS A 228 -15.87 -3.99 15.72
CA LYS A 228 -15.34 -5.30 16.07
C LYS A 228 -13.83 -5.31 16.27
N LEU A 229 -13.10 -4.37 15.68
CA LEU A 229 -11.64 -4.38 15.75
C LEU A 229 -11.11 -2.99 16.09
N HIS A 230 -10.10 -2.95 16.94
CA HIS A 230 -9.34 -1.73 17.19
C HIS A 230 -7.98 -2.15 17.73
N GLY A 231 -7.08 -1.17 17.84
CA GLY A 231 -5.73 -1.52 18.25
C GLY A 231 -4.85 -0.30 18.41
N LEU A 232 -3.54 -0.57 18.53
CA LEU A 232 -2.53 0.47 18.69
C LEU A 232 -1.29 0.04 17.92
N ALA A 233 -0.30 0.91 17.89
CA ALA A 233 0.96 0.64 17.23
C ALA A 233 2.09 0.65 18.25
N LEU A 234 3.09 -0.18 18.01
CA LEU A 234 4.35 -0.13 18.74
C LEU A 234 5.43 0.11 17.69
N ARG A 235 5.94 1.33 17.64
CA ARG A 235 7.06 1.64 16.76
C ARG A 235 8.34 1.10 17.38
N VAL A 236 9.07 0.30 16.63
CA VAL A 236 10.32 -0.30 17.09
C VAL A 236 11.44 0.08 16.13
N PRO A 237 12.68 0.23 16.61
CA PRO A 237 13.76 0.71 15.72
C PRO A 237 14.30 -0.38 14.79
N VAL A 238 13.46 -0.79 13.85
CA VAL A 238 13.93 -1.60 12.72
C VAL A 238 13.72 -0.77 11.46
N PRO A 239 14.60 -0.87 10.46
CA PRO A 239 14.51 0.04 9.31
C PRO A 239 13.25 -0.12 8.48
N ASN A 240 12.87 -1.36 8.19
CA ASN A 240 11.70 -1.65 7.38
C ASN A 240 11.16 -3.01 7.79
N VAL A 241 9.98 -3.33 7.25
CA VAL A 241 9.21 -4.55 7.54
C VAL A 241 8.54 -4.41 8.90
N SER A 242 7.22 -4.58 8.90
CA SER A 242 6.37 -4.42 10.07
C SER A 242 5.53 -5.67 10.24
N LEU A 243 4.78 -5.69 11.34
CA LEU A 243 4.07 -6.88 11.77
C LEU A 243 2.73 -6.50 12.37
N VAL A 244 1.68 -7.21 11.97
CA VAL A 244 0.37 -7.10 12.61
C VAL A 244 0.22 -8.29 13.55
N ASP A 245 -0.04 -7.99 14.83
CA ASP A 245 -0.27 -8.99 15.88
C ASP A 245 -1.74 -8.91 16.27
N LEU A 246 -2.54 -9.83 15.74
CA LEU A 246 -3.99 -9.76 15.87
C LEU A 246 -4.47 -10.83 16.84
N VAL A 247 -5.21 -10.40 17.87
CA VAL A 247 -5.87 -11.28 18.82
C VAL A 247 -7.37 -11.12 18.60
N VAL A 248 -8.01 -12.12 18.01
CA VAL A 248 -9.38 -12.02 17.54
C VAL A 248 -10.17 -13.22 18.05
N ASP A 249 -11.40 -12.99 18.50
CA ASP A 249 -12.31 -14.07 18.85
C ASP A 249 -13.14 -14.44 17.63
N LEU A 250 -13.26 -15.74 17.36
CA LEU A 250 -14.03 -16.21 16.23
C LEU A 250 -15.39 -16.74 16.68
N LYS A 251 -16.28 -16.94 15.71
CA LYS A 251 -17.65 -17.36 16.00
C LYS A 251 -17.82 -18.87 15.93
N THR A 252 -16.76 -19.62 15.69
CA THR A 252 -16.84 -21.07 15.65
C THR A 252 -15.51 -21.66 16.09
N ASP A 253 -15.56 -22.89 16.58
CA ASP A 253 -14.38 -23.55 17.14
C ASP A 253 -13.36 -23.84 16.04
N VAL A 254 -12.10 -23.56 16.32
CA VAL A 254 -11.01 -23.79 15.38
C VAL A 254 -9.83 -24.37 16.13
N THR A 255 -8.87 -24.90 15.36
CA THR A 255 -7.53 -25.19 15.82
C THR A 255 -6.56 -24.30 15.05
N ALA A 256 -5.33 -24.19 15.57
CA ALA A 256 -4.31 -23.42 14.86
C ALA A 256 -4.10 -23.94 13.45
N GLU A 257 -4.12 -25.27 13.28
CA GLU A 257 -3.93 -25.86 11.96
C GLU A 257 -5.05 -25.47 11.01
N GLU A 258 -6.29 -25.39 11.50
CA GLU A 258 -7.40 -25.01 10.63
C GLU A 258 -7.30 -23.56 10.19
N VAL A 259 -6.91 -22.68 11.11
CA VAL A 259 -6.69 -21.28 10.76
C VAL A 259 -5.61 -21.15 9.70
N ASN A 260 -4.48 -21.83 9.93
CA ASN A 260 -3.38 -21.78 8.98
C ASN A 260 -3.78 -22.37 7.63
N GLU A 261 -4.63 -23.39 7.63
CA GLU A 261 -5.08 -23.99 6.36
C GLU A 261 -6.00 -23.04 5.60
N ALA A 262 -6.86 -22.30 6.32
CA ALA A 262 -7.66 -21.28 5.66
C ALA A 262 -6.77 -20.24 4.99
N PHE A 263 -5.74 -19.78 5.70
CA PHE A 263 -4.82 -18.81 5.08
C PHE A 263 -4.07 -19.43 3.90
N LYS A 264 -3.61 -20.67 4.05
CA LYS A 264 -2.87 -21.34 2.99
C LYS A 264 -3.72 -21.50 1.73
N ARG A 265 -5.01 -21.79 1.91
CA ARG A 265 -5.89 -21.94 0.75
C ARG A 265 -6.19 -20.59 0.11
N ALA A 266 -6.38 -19.54 0.93
CA ALA A 266 -6.60 -18.22 0.34
C ALA A 266 -5.38 -17.74 -0.43
N ALA A 267 -4.17 -18.03 0.07
CA ALA A 267 -2.95 -17.57 -0.58
C ALA A 267 -2.76 -18.18 -1.96
N LYS A 268 -3.26 -19.40 -2.17
CA LYS A 268 -3.08 -20.08 -3.44
C LYS A 268 -4.26 -19.90 -4.38
N THR A 269 -5.31 -19.21 -3.94
CA THR A 269 -6.49 -19.05 -4.77
C THR A 269 -7.00 -17.61 -4.76
N SER A 270 -8.01 -17.33 -3.91
CA SER A 270 -8.71 -16.06 -3.99
C SER A 270 -7.82 -14.86 -3.69
N MET A 271 -6.73 -15.05 -2.95
CA MET A 271 -5.87 -13.93 -2.61
C MET A 271 -4.46 -14.12 -3.17
N TYR A 272 -4.35 -14.88 -4.26
CA TYR A 272 -3.08 -15.12 -4.91
C TYR A 272 -2.41 -13.80 -5.30
N GLY A 273 -1.15 -13.65 -4.91
CA GLY A 273 -0.40 -12.44 -5.16
C GLY A 273 -0.58 -11.34 -4.13
N VAL A 274 -1.60 -11.44 -3.28
CA VAL A 274 -1.88 -10.42 -2.27
C VAL A 274 -1.50 -10.92 -0.89
N LEU A 275 -2.00 -12.08 -0.51
CA LEU A 275 -1.69 -12.73 0.75
C LEU A 275 -0.86 -13.98 0.49
N ASP A 276 0.15 -14.19 1.32
CA ASP A 276 0.97 -15.40 1.26
C ASP A 276 1.00 -16.04 2.64
N TYR A 277 1.44 -17.28 2.67
CA TYR A 277 1.51 -18.06 3.90
C TYR A 277 2.88 -18.71 3.98
N SER A 278 3.50 -18.63 5.16
CA SER A 278 4.84 -19.15 5.39
C SER A 278 4.84 -20.10 6.56
N ASP A 279 5.41 -21.30 6.35
CA ASP A 279 5.70 -22.23 7.43
C ASP A 279 7.18 -22.25 7.78
N GLU A 280 7.93 -21.24 7.34
CA GLU A 280 9.36 -21.20 7.58
C GLU A 280 9.69 -20.31 8.77
N PRO A 281 10.76 -20.62 9.50
CA PRO A 281 11.18 -19.78 10.63
C PRO A 281 12.03 -18.59 10.18
N LEU A 282 11.34 -17.53 9.75
CA LEU A 282 12.00 -16.35 9.24
C LEU A 282 11.97 -15.23 10.27
N VAL A 283 12.81 -14.22 10.03
CA VAL A 283 12.81 -13.00 10.82
C VAL A 283 12.31 -11.87 9.91
N SER A 284 12.08 -10.71 10.52
CA SER A 284 11.44 -9.61 9.80
C SER A 284 12.25 -9.20 8.56
N THR A 285 13.58 -9.19 8.68
CA THR A 285 14.42 -8.73 7.57
C THR A 285 14.26 -9.63 6.34
N ASP A 286 13.87 -10.88 6.52
CA ASP A 286 13.63 -11.79 5.40
C ASP A 286 12.43 -11.40 4.55
N TYR A 287 11.60 -10.47 5.03
CA TYR A 287 10.46 -10.02 4.25
C TYR A 287 10.70 -8.68 3.58
N ASN A 288 11.94 -8.16 3.65
CA ASN A 288 12.27 -6.93 2.95
C ASN A 288 12.08 -7.12 1.45
N THR A 289 11.41 -6.16 0.82
CA THR A 289 11.09 -6.20 -0.61
C THR A 289 10.23 -7.42 -0.96
N ASN A 290 9.41 -7.87 -0.03
CA ASN A 290 8.39 -8.87 -0.36
C ASN A 290 7.18 -8.16 -0.96
N PRO A 291 6.67 -8.62 -2.11
CA PRO A 291 5.61 -7.88 -2.80
C PRO A 291 4.20 -8.13 -2.26
N HIS A 292 4.03 -9.07 -1.32
CA HIS A 292 2.70 -9.37 -0.83
C HIS A 292 2.21 -8.29 0.14
N SER A 293 0.88 -8.20 0.26
CA SER A 293 0.29 -7.30 1.23
C SER A 293 0.44 -7.83 2.65
N ALA A 294 0.47 -9.15 2.80
CA ALA A 294 0.55 -9.79 4.10
C ALA A 294 1.12 -11.18 3.91
N VAL A 295 1.97 -11.60 4.84
CA VAL A 295 2.46 -12.98 4.88
C VAL A 295 2.16 -13.53 6.27
N ILE A 296 1.25 -14.49 6.35
CA ILE A 296 0.95 -15.18 7.59
C ILE A 296 2.19 -15.95 8.06
N ASP A 297 2.57 -15.75 9.32
CA ASP A 297 3.61 -16.56 9.96
C ASP A 297 2.93 -17.77 10.56
N GLY A 298 2.95 -18.90 9.84
CA GLY A 298 2.19 -20.06 10.26
C GLY A 298 2.69 -20.71 11.53
N LEU A 299 3.95 -20.51 11.86
CA LEU A 299 4.53 -21.15 13.04
C LEU A 299 4.13 -20.48 14.35
N THR A 300 3.54 -19.28 14.31
CA THR A 300 3.20 -18.57 15.53
C THR A 300 1.70 -18.57 15.82
N THR A 301 0.88 -19.08 14.90
CA THR A 301 -0.57 -19.06 15.10
C THR A 301 -0.94 -19.80 16.37
N MET A 302 -1.79 -19.16 17.20
CA MET A 302 -2.18 -19.76 18.48
C MET A 302 -3.68 -19.68 18.65
N VAL A 303 -4.23 -20.65 19.37
CA VAL A 303 -5.66 -20.69 19.67
C VAL A 303 -5.84 -21.00 21.16
N MET A 304 -6.55 -20.15 21.86
CA MET A 304 -6.91 -20.31 23.26
C MET A 304 -8.41 -20.60 23.33
N GLU A 305 -8.76 -21.71 23.97
CA GLU A 305 -10.15 -22.11 24.20
C GLU A 305 -10.95 -22.15 22.90
N ASP A 306 -10.30 -22.65 21.84
CA ASP A 306 -10.92 -22.94 20.54
C ASP A 306 -11.41 -21.70 19.79
N ARG A 307 -11.42 -20.53 20.44
CA ARG A 307 -12.05 -19.36 19.84
C ARG A 307 -11.13 -18.14 19.76
N LYS A 308 -10.24 -17.94 20.74
CA LYS A 308 -9.38 -16.76 20.79
C LYS A 308 -8.10 -17.05 20.01
N VAL A 309 -7.89 -16.36 18.89
CA VAL A 309 -6.85 -16.70 17.93
C VAL A 309 -5.83 -15.56 17.88
N LYS A 310 -4.56 -15.92 17.99
CA LYS A 310 -3.46 -14.99 17.72
C LYS A 310 -2.87 -15.32 16.35
N VAL A 311 -2.81 -14.30 15.50
CA VAL A 311 -2.27 -14.40 14.15
C VAL A 311 -1.25 -13.29 13.95
N LEU A 312 -0.11 -13.64 13.36
CA LEU A 312 0.97 -12.69 13.07
C LEU A 312 1.12 -12.57 11.57
N ALA A 313 1.10 -11.35 11.05
CA ALA A 313 1.18 -11.11 9.62
C ALA A 313 2.29 -10.11 9.31
N TRP A 314 3.29 -10.55 8.55
CA TRP A 314 4.38 -9.68 8.11
C TRP A 314 3.96 -8.84 6.91
N TYR A 315 4.52 -7.64 6.83
CA TYR A 315 4.40 -6.88 5.59
C TYR A 315 5.54 -5.89 5.48
N ASP A 316 6.15 -5.84 4.30
CA ASP A 316 6.99 -4.70 3.93
C ASP A 316 6.07 -3.50 3.78
N ASN A 317 6.14 -2.56 4.71
CA ASN A 317 5.22 -1.42 4.66
C ASN A 317 5.50 -0.48 3.50
N GLU A 318 6.50 -0.75 2.67
CA GLU A 318 6.75 0.07 1.49
C GLU A 318 6.53 -0.70 0.21
N TRP A 319 7.15 -1.87 0.07
CA TRP A 319 7.16 -2.57 -1.22
C TRP A 319 5.80 -3.18 -1.54
N GLY A 320 5.19 -3.88 -0.58
CA GLY A 320 3.89 -4.47 -0.83
C GLY A 320 2.85 -3.44 -1.22
N TYR A 321 2.84 -2.30 -0.51
CA TYR A 321 1.87 -1.26 -0.82
C TYR A 321 2.10 -0.70 -2.22
N SER A 322 3.37 -0.49 -2.60
CA SER A 322 3.66 0.06 -3.93
C SER A 322 3.28 -0.91 -5.04
N CYS A 323 3.50 -2.22 -4.80
CA CYS A 323 3.04 -3.22 -5.76
C CYS A 323 1.52 -3.22 -5.86
N ARG A 324 0.83 -3.00 -4.75
CA ARG A 324 -0.63 -2.88 -4.81
C ARG A 324 -1.04 -1.64 -5.58
N VAL A 325 -0.29 -0.55 -5.46
CA VAL A 325 -0.60 0.67 -6.21
C VAL A 325 -0.50 0.39 -7.71
N VAL A 326 0.53 -0.35 -8.12
CA VAL A 326 0.67 -0.67 -9.54
C VAL A 326 -0.42 -1.63 -10.00
N ASP A 327 -0.76 -2.63 -9.16
CA ASP A 327 -1.88 -3.52 -9.48
C ASP A 327 -3.17 -2.73 -9.66
N LEU A 328 -3.40 -1.73 -8.80
CA LEU A 328 -4.59 -0.92 -8.89
C LEU A 328 -4.59 -0.08 -10.15
N ILE A 329 -3.44 0.48 -10.51
CA ILE A 329 -3.34 1.20 -11.78
C ILE A 329 -3.78 0.30 -12.93
N ARG A 330 -3.32 -0.95 -12.93
CA ARG A 330 -3.66 -1.86 -14.02
C ARG A 330 -5.15 -2.21 -14.02
N HIS A 331 -5.73 -2.43 -12.84
CA HIS A 331 -7.15 -2.74 -12.71
C HIS A 331 -8.00 -1.57 -13.21
N VAL A 332 -7.69 -0.36 -12.74
CA VAL A 332 -8.41 0.84 -13.15
C VAL A 332 -8.27 1.06 -14.66
N ALA A 333 -7.08 0.86 -15.20
CA ALA A 333 -6.88 1.10 -16.64
C ALA A 333 -7.67 0.09 -17.46
N ALA A 334 -7.64 -1.18 -17.07
CA ALA A 334 -8.44 -2.18 -17.77
C ALA A 334 -9.92 -1.81 -17.76
N ARG A 335 -10.43 -1.36 -16.61
CA ARG A 335 -11.84 -0.98 -16.59
C ARG A 335 -12.12 0.35 -17.29
N MET A 336 -11.10 1.19 -17.44
CA MET A 336 -11.26 2.43 -18.20
C MET A 336 -11.41 2.13 -19.68
N LYS A 337 -10.63 1.18 -20.20
CA LYS A 337 -10.70 0.87 -21.62
C LYS A 337 -11.85 -0.08 -21.95
N HIS A 338 -12.31 -0.88 -20.98
CA HIS A 338 -13.39 -1.84 -21.19
C HIS A 338 -14.39 -1.71 -20.05
N PRO A 339 -15.26 -0.69 -20.10
CA PRO A 339 -16.26 -0.49 -19.04
C PRO A 339 -17.39 -1.52 -19.09
#